data_2D81
#
_entry.id   2D81
#
_cell.length_a   81.934
_cell.length_b   48.863
_cell.length_c   64.198
_cell.angle_alpha   90.00
_cell.angle_beta   94.45
_cell.angle_gamma   90.00
#
_symmetry.space_group_name_H-M   'C 1 2 1'
#
loop_
_entity.id
_entity.type
_entity.pdbx_description
1 polymer 'PHB depolymerase'
2 non-polymer 2-acetamido-2-deoxy-beta-D-glucopyranose
3 non-polymer '(1R)-3-{[(1R)-3-METHOXY-1-METHYL-3-OXOPROPYL]OXY}-1-METHYL-3-OXOPROPYL (3R)-3-HYDROXYBUTANOATE'
4 water water
#
_entity_poly.entity_id   1
_entity_poly.type   'polypeptide(L)'
_entity_poly.pdbx_seq_one_letter_code
;TALPAFNVNPNSVSVSGLASGGYMAAQLGVAYSDVFNVGFGVFAGGPYDCARNQYYTSCMYNGYPSITTPTANMKSWSGN
QIASVANLGQRKIYMWTGSSDTTVGPNVMNQLKAQLGNFDNSANVSYVTTTGAVHTFPTDFNGAGDNSCSLSTSPYISNC
NYDGAGAALKWIYGSLNARNTGTLSGSVLSFAQSGSYGANGMDTTGYLYVPQSCASGATVCSLHVALHGCLQSYSSIGSR
FIQNTGYNKWADTNNMIILYPQAIPDYTIHAIWNGGVLSNPNGCWDWVGWYGSNADQIGGVQMAAIVGQVKQIVSGFQ
;
_entity_poly.pdbx_strand_id   A
#
# COMPACT_ATOMS: atom_id res chain seq x y z
N THR A 1 19.49 7.63 -11.26
CA THR A 1 20.05 6.45 -10.53
C THR A 1 19.21 5.21 -10.83
N ALA A 2 19.88 4.09 -11.07
CA ALA A 2 19.18 2.83 -11.31
C ALA A 2 18.78 2.18 -9.99
N LEU A 3 17.68 1.43 -10.01
CA LEU A 3 17.24 0.67 -8.84
C LEU A 3 18.16 -0.53 -8.65
N PRO A 4 18.82 -0.63 -7.49
CA PRO A 4 19.73 -1.75 -7.18
C PRO A 4 19.04 -3.08 -6.93
N ALA A 5 19.78 -4.16 -7.16
CA ALA A 5 19.40 -5.48 -6.69
C ALA A 5 20.00 -5.67 -5.30
N PHE A 6 19.20 -6.21 -4.39
CA PHE A 6 19.67 -6.47 -3.03
C PHE A 6 19.50 -7.94 -2.66
N ASN A 7 20.12 -8.33 -1.55
CA ASN A 7 20.00 -9.70 -1.09
C ASN A 7 18.71 -9.82 -0.29
N VAL A 8 17.60 -9.89 -1.02
CA VAL A 8 16.28 -9.99 -0.41
C VAL A 8 15.63 -11.30 -0.83
N ASN A 9 15.13 -12.06 0.15
CA ASN A 9 14.46 -13.31 -0.16
C ASN A 9 13.12 -13.01 -0.83
N PRO A 10 12.87 -13.58 -2.02
CA PRO A 10 11.62 -13.35 -2.73
C PRO A 10 10.39 -13.80 -1.94
N ASN A 11 10.62 -14.65 -0.94
CA ASN A 11 9.50 -15.18 -0.15
C ASN A 11 9.20 -14.31 1.07
N SER A 12 9.77 -13.10 1.11
CA SER A 12 9.63 -12.24 2.26
C SER A 12 9.01 -10.90 1.90
N VAL A 13 8.30 -10.86 0.78
CA VAL A 13 7.78 -9.61 0.24
C VAL A 13 6.34 -9.35 0.67
N SER A 14 6.05 -8.10 1.00
CA SER A 14 4.71 -7.68 1.39
C SER A 14 4.47 -6.22 0.99
N VAL A 15 3.26 -5.74 1.19
CA VAL A 15 2.90 -4.38 0.80
C VAL A 15 1.78 -3.82 1.70
N SER A 16 1.80 -2.50 1.90
CA SER A 16 0.71 -1.82 2.59
C SER A 16 0.56 -0.40 2.04
N GLY A 17 -0.53 0.28 2.41
CA GLY A 17 -0.71 1.64 1.95
C GLY A 17 -1.92 2.31 2.57
N LEU A 18 -2.01 3.63 2.38
CA LEU A 18 -3.11 4.42 2.93
C LEU A 18 -4.08 4.88 1.83
N ALA A 19 -5.37 4.67 2.07
CA ALA A 19 -6.42 5.23 1.23
C ALA A 19 -6.33 4.69 -0.20
N SER A 20 -6.06 5.57 -1.17
CA SER A 20 -5.88 5.07 -2.54
C SER A 20 -4.69 4.11 -2.55
N GLY A 21 -3.72 4.36 -1.69
CA GLY A 21 -2.60 3.45 -1.54
C GLY A 21 -2.99 2.16 -0.84
N GLY A 22 -4.02 2.24 0.00
CA GLY A 22 -4.55 1.04 0.63
C GLY A 22 -5.35 0.21 -0.37
N TYR A 23 -6.17 0.87 -1.17
CA TYR A 23 -6.84 0.20 -2.27
C TYR A 23 -5.82 -0.51 -3.15
N MET A 24 -4.77 0.22 -3.55
CA MET A 24 -3.72 -0.35 -4.40
C MET A 24 -2.99 -1.51 -3.71
N ALA A 25 -2.72 -1.38 -2.42
CA ALA A 25 -2.06 -2.45 -1.69
C ALA A 25 -2.88 -3.74 -1.79
N ALA A 26 -4.19 -3.63 -1.61
CA ALA A 26 -5.06 -4.79 -1.74
C ALA A 26 -5.10 -5.29 -3.18
N GLN A 27 -5.05 -4.37 -4.14
CA GLN A 27 -5.01 -4.78 -5.54
C GLN A 27 -3.75 -5.60 -5.83
N LEU A 28 -2.61 -5.15 -5.32
CA LEU A 28 -1.37 -5.91 -5.44
C LEU A 28 -1.41 -7.22 -4.65
N GLY A 29 -1.94 -7.16 -3.44
CA GLY A 29 -2.01 -8.33 -2.59
C GLY A 29 -2.88 -9.44 -3.17
N VAL A 30 -3.85 -9.05 -3.99
CA VAL A 30 -4.72 -10.02 -4.65
C VAL A 30 -4.20 -10.43 -6.02
N ALA A 31 -4.02 -9.45 -6.91
CA ALA A 31 -3.66 -9.74 -8.30
C ALA A 31 -2.28 -10.38 -8.37
N TYR A 32 -1.37 -9.95 -7.50
CA TYR A 32 -0.03 -10.51 -7.42
C TYR A 32 0.23 -11.17 -6.07
N SER A 33 -0.73 -11.95 -5.59
CA SER A 33 -0.57 -12.62 -4.30
C SER A 33 0.65 -13.53 -4.29
N ASP A 34 1.10 -13.94 -5.47
CA ASP A 34 2.30 -14.78 -5.58
C ASP A 34 3.58 -13.98 -5.32
N VAL A 35 3.56 -12.70 -5.67
CA VAL A 35 4.71 -11.83 -5.46
C VAL A 35 4.74 -11.33 -4.02
N PHE A 36 3.58 -10.90 -3.53
CA PHE A 36 3.47 -10.43 -2.16
C PHE A 36 3.04 -11.58 -1.26
N ASN A 37 3.98 -12.50 -1.06
CA ASN A 37 3.64 -13.83 -0.55
C ASN A 37 3.58 -13.96 0.97
N VAL A 38 4.04 -12.94 1.69
CA VAL A 38 3.87 -12.95 3.14
C VAL A 38 2.49 -12.39 3.50
N GLY A 39 2.09 -11.32 2.82
CA GLY A 39 0.78 -10.76 3.06
C GLY A 39 0.75 -9.28 2.74
N PHE A 40 -0.29 -8.59 3.21
CA PHE A 40 -0.41 -7.16 2.95
C PHE A 40 -1.22 -6.43 4.02
N GLY A 41 -1.12 -5.10 4.02
CA GLY A 41 -1.84 -4.28 4.97
C GLY A 41 -2.58 -3.15 4.27
N VAL A 42 -3.76 -2.82 4.79
CA VAL A 42 -4.57 -1.75 4.20
C VAL A 42 -5.02 -0.78 5.28
N PHE A 43 -4.60 0.49 5.15
CA PHE A 43 -5.07 1.55 6.04
C PHE A 43 -6.13 2.39 5.32
N ALA A 44 -7.37 2.30 5.78
CA ALA A 44 -8.45 3.14 5.28
C ALA A 44 -8.58 3.06 3.76
N GLY A 45 -8.58 1.83 3.25
CA GLY A 45 -8.86 1.60 1.85
C GLY A 45 -10.20 0.87 1.71
N GLY A 46 -10.31 0.01 0.69
CA GLY A 46 -11.58 -0.66 0.47
C GLY A 46 -11.47 -1.92 -0.37
N PRO A 47 -12.61 -2.55 -0.70
CA PRO A 47 -12.69 -3.78 -1.49
C PRO A 47 -11.87 -3.81 -2.78
N TYR A 48 -11.23 -4.94 -3.01
CA TYR A 48 -10.64 -5.23 -4.31
C TYR A 48 -11.71 -5.14 -5.41
N ASP A 49 -11.44 -4.31 -6.42
CA ASP A 49 -12.31 -4.14 -7.59
C ASP A 49 -13.57 -3.37 -7.23
N CYS A 50 -13.52 -2.63 -6.12
CA CYS A 50 -14.70 -1.92 -5.61
C CYS A 50 -15.36 -1.05 -6.68
N ALA A 51 -14.53 -0.31 -7.43
CA ALA A 51 -15.05 0.76 -8.27
C ALA A 51 -15.29 0.36 -9.72
N ARG A 52 -15.24 -0.94 -10.01
CA ARG A 52 -15.38 -1.37 -11.40
C ARG A 52 -16.83 -1.31 -11.88
N ASN A 53 -17.76 -1.71 -11.02
CA ASN A 53 -19.16 -1.81 -11.43
C ASN A 53 -20.13 -1.00 -10.57
N GLN A 54 -19.58 -0.16 -9.70
CA GLN A 54 -20.36 0.86 -9.01
C GLN A 54 -19.50 2.11 -8.93
N TYR A 55 -20.13 3.28 -8.85
CA TYR A 55 -19.37 4.52 -8.94
C TYR A 55 -18.43 4.63 -7.74
N TYR A 56 -17.25 5.20 -7.96
CA TYR A 56 -16.19 5.14 -6.96
C TYR A 56 -16.58 5.83 -5.65
N THR A 57 -17.44 6.84 -5.72
CA THR A 57 -17.86 7.53 -4.49
C THR A 57 -18.71 6.63 -3.61
N SER A 58 -19.29 5.59 -4.19
CA SER A 58 -20.00 4.58 -3.41
C SER A 58 -19.02 3.72 -2.62
N CYS A 59 -17.74 3.81 -2.99
CA CYS A 59 -16.67 3.13 -2.27
C CYS A 59 -15.97 4.13 -1.35
N MET A 60 -16.68 5.20 -1.00
CA MET A 60 -16.14 6.24 -0.14
C MET A 60 -17.20 6.79 0.81
N TYR A 61 -16.80 7.78 1.60
CA TYR A 61 -17.73 8.55 2.42
C TYR A 61 -18.55 7.65 3.36
N ASN A 62 -17.90 6.58 3.80
CA ASN A 62 -18.43 5.66 4.81
C ASN A 62 -19.75 5.05 4.40
N GLY A 63 -19.91 4.82 3.09
CA GLY A 63 -21.04 4.07 2.60
C GLY A 63 -20.83 2.56 2.67
N TYR A 64 -21.78 1.83 2.10
CA TYR A 64 -21.70 0.37 2.05
C TYR A 64 -21.57 -0.12 0.61
N PRO A 65 -20.37 -0.07 0.04
CA PRO A 65 -20.23 -0.54 -1.34
C PRO A 65 -20.60 -2.02 -1.45
N SER A 66 -21.15 -2.40 -2.60
CA SER A 66 -21.45 -3.80 -2.84
C SER A 66 -20.16 -4.55 -3.14
N ILE A 67 -20.07 -5.79 -2.67
CA ILE A 67 -18.94 -6.63 -3.00
C ILE A 67 -19.39 -7.93 -3.68
N THR A 68 -20.64 -7.98 -4.10
CA THR A 68 -21.15 -9.17 -4.77
C THR A 68 -20.35 -9.45 -6.04
N THR A 69 -20.31 -8.46 -6.94
CA THR A 69 -19.57 -8.64 -8.20
C THR A 69 -18.06 -8.64 -7.98
N PRO A 70 -17.55 -7.78 -7.10
CA PRO A 70 -16.10 -7.77 -6.87
C PRO A 70 -15.60 -9.14 -6.39
N THR A 71 -16.35 -9.75 -5.49
CA THR A 71 -16.00 -11.07 -4.97
C THR A 71 -16.16 -12.15 -6.05
N ALA A 72 -17.22 -12.05 -6.83
CA ALA A 72 -17.41 -12.96 -7.97
C ALA A 72 -16.26 -12.85 -8.96
N ASN A 73 -15.79 -11.63 -9.21
CA ASN A 73 -14.67 -11.43 -10.11
C ASN A 73 -13.39 -12.09 -9.59
N MET A 74 -13.15 -11.99 -8.29
CA MET A 74 -11.99 -12.65 -7.69
C MET A 74 -12.04 -14.16 -7.97
N LYS A 75 -13.20 -14.76 -7.80
CA LYS A 75 -13.36 -16.18 -8.07
C LYS A 75 -13.16 -16.48 -9.55
N SER A 76 -13.75 -15.66 -10.40
CA SER A 76 -13.73 -15.90 -11.84
C SER A 76 -12.34 -15.72 -12.44
N TRP A 77 -11.60 -14.71 -11.95
CA TRP A 77 -10.31 -14.38 -12.52
C TRP A 77 -9.16 -15.21 -11.95
N SER A 78 -9.45 -15.97 -10.90
CA SER A 78 -8.40 -16.70 -10.19
C SER A 78 -7.59 -17.59 -11.13
N GLY A 79 -6.28 -17.37 -11.16
CA GLY A 79 -5.41 -18.19 -11.98
C GLY A 79 -5.19 -17.66 -13.38
N ASN A 80 -5.92 -16.61 -13.74
CA ASN A 80 -5.77 -15.97 -15.04
C ASN A 80 -5.45 -14.49 -14.91
N GLN A 81 -6.48 -13.65 -14.75
CA GLN A 81 -6.27 -12.21 -14.62
C GLN A 81 -5.67 -11.83 -13.28
N ILE A 82 -5.77 -12.72 -12.30
CA ILE A 82 -5.07 -12.55 -11.03
C ILE A 82 -4.47 -13.88 -10.59
N ALA A 83 -3.52 -13.84 -9.67
CA ALA A 83 -2.95 -15.06 -9.12
C ALA A 83 -4.03 -15.84 -8.39
N SER A 84 -3.86 -17.16 -8.29
CA SER A 84 -4.85 -18.01 -7.64
C SER A 84 -5.25 -17.46 -6.27
N VAL A 85 -6.55 -17.33 -6.04
CA VAL A 85 -7.03 -16.83 -4.76
C VAL A 85 -6.77 -17.81 -3.63
N ALA A 86 -6.41 -19.04 -3.98
CA ALA A 86 -5.99 -20.02 -2.98
C ALA A 86 -4.82 -19.48 -2.16
N ASN A 87 -3.98 -18.66 -2.80
CA ASN A 87 -2.85 -18.05 -2.09
C ASN A 87 -3.32 -17.25 -0.88
N LEU A 88 -4.46 -16.59 -1.01
CA LEU A 88 -4.93 -15.70 0.05
C LEU A 88 -5.21 -16.46 1.33
N GLY A 89 -5.33 -17.78 1.22
CA GLY A 89 -5.59 -18.59 2.40
C GLY A 89 -4.36 -18.78 3.26
N GLN A 90 -3.20 -18.36 2.74
CA GLN A 90 -1.94 -18.44 3.48
C GLN A 90 -1.21 -17.10 3.46
N ARG A 91 -1.95 -16.03 3.75
CA ARG A 91 -1.37 -14.70 3.80
C ARG A 91 -1.74 -14.02 5.12
N LYS A 92 -0.81 -13.25 5.66
CA LYS A 92 -1.11 -12.39 6.81
C LYS A 92 -1.71 -11.10 6.28
N ILE A 93 -2.91 -10.75 6.75
CA ILE A 93 -3.60 -9.57 6.27
C ILE A 93 -3.93 -8.65 7.43
N TYR A 94 -3.43 -7.43 7.35
CA TYR A 94 -3.66 -6.41 8.36
C TYR A 94 -4.58 -5.33 7.79
N MET A 95 -5.58 -4.93 8.56
CA MET A 95 -6.52 -3.90 8.14
C MET A 95 -6.77 -2.90 9.27
N TRP A 96 -6.84 -1.62 8.92
CA TRP A 96 -7.02 -0.56 9.91
C TRP A 96 -7.99 0.50 9.41
N THR A 97 -8.82 1.00 10.32
CA THR A 97 -9.61 2.18 10.03
C THR A 97 -9.71 3.05 11.27
N GLY A 98 -9.82 4.36 11.06
CA GLY A 98 -10.21 5.24 12.14
C GLY A 98 -11.72 5.22 12.25
N SER A 99 -12.25 5.29 13.46
CA SER A 99 -13.69 5.19 13.65
C SER A 99 -14.40 6.47 13.16
N SER A 100 -13.64 7.56 13.07
CA SER A 100 -14.20 8.86 12.72
C SER A 100 -13.91 9.24 11.28
N ASP A 101 -13.40 8.28 10.51
CA ASP A 101 -13.09 8.48 9.10
C ASP A 101 -14.39 8.51 8.29
N THR A 102 -14.68 9.65 7.67
CA THR A 102 -15.86 9.77 6.82
C THR A 102 -15.46 10.06 5.37
N THR A 103 -14.19 9.82 5.07
CA THR A 103 -13.68 9.98 3.72
C THR A 103 -13.70 8.63 3.00
N VAL A 104 -13.18 7.60 3.66
CA VAL A 104 -13.40 6.22 3.22
C VAL A 104 -14.31 5.54 4.24
N GLY A 105 -13.75 5.10 5.36
CA GLY A 105 -14.58 4.84 6.53
C GLY A 105 -14.75 3.39 6.95
N PRO A 106 -15.17 3.16 8.22
CA PRO A 106 -15.38 1.82 8.77
C PRO A 106 -16.28 0.96 7.91
N ASN A 107 -17.33 1.54 7.34
CA ASN A 107 -18.29 0.76 6.56
C ASN A 107 -17.67 0.25 5.26
N VAL A 108 -16.75 1.02 4.70
CA VAL A 108 -16.05 0.61 3.49
C VAL A 108 -14.97 -0.41 3.82
N MET A 109 -14.16 -0.13 4.83
CA MET A 109 -13.14 -1.08 5.24
C MET A 109 -13.73 -2.41 5.69
N ASN A 110 -14.90 -2.38 6.32
CA ASN A 110 -15.54 -3.61 6.75
C ASN A 110 -15.92 -4.50 5.58
N GLN A 111 -16.28 -3.89 4.45
CA GLN A 111 -16.63 -4.65 3.26
C GLN A 111 -15.40 -5.33 2.66
N LEU A 112 -14.25 -4.68 2.76
CA LEU A 112 -12.99 -5.33 2.37
C LEU A 112 -12.74 -6.54 3.25
N LYS A 113 -12.97 -6.40 4.56
CA LYS A 113 -12.81 -7.51 5.48
C LYS A 113 -13.72 -8.66 5.07
N ALA A 114 -14.98 -8.34 4.79
CA ALA A 114 -15.97 -9.36 4.43
C ALA A 114 -15.56 -10.04 3.12
N GLN A 115 -15.11 -9.23 2.18
CA GLN A 115 -14.70 -9.76 0.87
C GLN A 115 -13.55 -10.74 1.00
N LEU A 116 -12.49 -10.32 1.69
CA LEU A 116 -11.31 -11.17 1.86
C LEU A 116 -11.64 -12.38 2.73
N GLY A 117 -12.65 -12.25 3.57
CA GLY A 117 -13.05 -13.36 4.42
C GLY A 117 -13.47 -14.60 3.65
N ASN A 118 -13.84 -14.40 2.38
CA ASN A 118 -14.20 -15.51 1.52
C ASN A 118 -13.00 -16.37 1.17
N PHE A 119 -11.80 -15.81 1.33
CA PHE A 119 -10.59 -16.45 0.82
C PHE A 119 -9.49 -16.63 1.86
N ASP A 120 -9.53 -15.85 2.94
CA ASP A 120 -8.44 -15.85 3.90
C ASP A 120 -8.68 -16.68 5.15
N ASN A 121 -7.69 -16.70 6.03
CA ASN A 121 -7.71 -17.46 7.27
C ASN A 121 -7.86 -16.49 8.43
N SER A 122 -8.92 -16.62 9.22
CA SER A 122 -9.24 -15.62 10.22
C SER A 122 -8.12 -15.42 11.26
N ALA A 123 -7.45 -16.50 11.63
CA ALA A 123 -6.38 -16.42 12.62
C ALA A 123 -5.23 -15.54 12.12
N ASN A 124 -5.08 -15.45 10.81
CA ASN A 124 -4.02 -14.63 10.22
C ASN A 124 -4.50 -13.27 9.72
N VAL A 125 -5.70 -12.88 10.16
CA VAL A 125 -6.22 -11.55 9.85
C VAL A 125 -6.28 -10.71 11.12
N SER A 126 -5.78 -9.48 11.05
CA SER A 126 -5.95 -8.52 12.14
C SER A 126 -6.68 -7.29 11.63
N TYR A 127 -7.84 -7.00 12.20
CA TYR A 127 -8.59 -5.82 11.82
C TYR A 127 -8.70 -4.91 13.03
N VAL A 128 -8.17 -3.70 12.89
CA VAL A 128 -8.04 -2.77 14.00
C VAL A 128 -8.77 -1.46 13.73
N THR A 129 -9.52 -0.98 14.72
CA THR A 129 -10.14 0.33 14.65
C THR A 129 -9.56 1.23 15.73
N THR A 130 -9.08 2.40 15.35
CA THR A 130 -8.66 3.39 16.32
C THR A 130 -9.78 4.38 16.56
N THR A 131 -10.27 4.41 17.79
CA THR A 131 -11.39 5.26 18.15
C THR A 131 -11.02 6.74 18.02
N GLY A 132 -11.81 7.48 17.24
CA GLY A 132 -11.61 8.91 17.14
C GLY A 132 -10.72 9.37 16.00
N ALA A 133 -10.01 8.43 15.37
CA ALA A 133 -9.11 8.77 14.27
C ALA A 133 -9.90 9.04 12.99
N VAL A 134 -9.48 10.06 12.25
CA VAL A 134 -10.11 10.37 10.97
C VAL A 134 -9.31 9.76 9.83
N HIS A 135 -9.56 10.24 8.62
CA HIS A 135 -8.79 9.79 7.46
C HIS A 135 -7.38 10.39 7.48
N THR A 136 -6.43 9.60 7.96
CA THR A 136 -5.05 10.05 8.10
C THR A 136 -4.21 8.81 8.41
N PHE A 137 -2.90 8.88 8.17
CA PHE A 137 -2.05 7.76 8.52
C PHE A 137 -1.76 7.80 10.02
N PRO A 138 -2.07 6.71 10.75
CA PRO A 138 -1.84 6.66 12.20
C PRO A 138 -0.40 6.34 12.63
N THR A 139 0.21 7.27 13.36
CA THR A 139 1.49 6.99 14.02
C THR A 139 1.37 7.30 15.50
N ASP A 140 2.45 7.11 16.25
CA ASP A 140 2.44 7.44 17.67
C ASP A 140 3.52 8.46 18.01
N PHE A 141 3.90 9.26 17.02
CA PHE A 141 4.86 10.34 17.26
C PHE A 141 4.51 11.59 16.46
N ASN A 142 5.11 12.72 16.87
CA ASN A 142 4.80 14.01 16.27
C ASN A 142 5.70 14.30 15.08
N GLY A 143 5.45 13.62 13.97
CA GLY A 143 6.21 13.86 12.77
C GLY A 143 6.09 15.30 12.29
N ALA A 144 7.17 15.80 11.71
CA ALA A 144 7.22 17.20 11.28
C ALA A 144 6.04 17.55 10.37
N GLY A 145 5.24 18.53 10.79
CA GLY A 145 4.17 19.01 9.94
C GLY A 145 2.90 18.17 9.95
N ASP A 146 2.85 17.16 10.82
CA ASP A 146 1.68 16.30 10.93
C ASP A 146 0.42 17.11 11.19
N ASN A 147 -0.69 16.68 10.62
CA ASN A 147 -1.99 17.22 10.99
C ASN A 147 -2.54 16.48 12.20
N SER A 148 -3.50 17.10 12.89
CA SER A 148 -4.14 16.46 14.03
C SER A 148 -4.84 15.18 13.59
N CYS A 149 -4.81 14.16 14.43
CA CYS A 149 -5.49 12.91 14.10
C CYS A 149 -7.00 13.10 14.15
N SER A 150 -7.46 14.28 14.56
CA SER A 150 -8.89 14.57 14.57
C SER A 150 -9.30 15.52 13.45
N LEU A 151 -8.37 15.90 12.60
CA LEU A 151 -8.67 16.74 11.44
C LEU A 151 -7.99 16.22 10.16
N SER A 152 -8.79 15.80 9.20
CA SER A 152 -8.25 15.23 7.96
C SER A 152 -7.84 16.34 6.99
N THR A 153 -6.54 16.57 6.91
CA THR A 153 -5.98 17.59 6.02
C THR A 153 -4.49 17.28 5.80
N SER A 154 -3.88 17.88 4.79
CA SER A 154 -2.48 17.60 4.47
C SER A 154 -1.62 17.74 5.72
N PRO A 155 -0.60 16.88 5.87
CA PRO A 155 -0.18 15.80 4.98
C PRO A 155 -0.90 14.46 5.15
N TYR A 156 -1.97 14.46 5.94
CA TYR A 156 -2.69 13.23 6.25
C TYR A 156 -1.79 12.19 6.92
N ILE A 157 -0.93 12.67 7.81
CA ILE A 157 -0.12 11.81 8.67
C ILE A 157 -0.20 12.43 10.06
N SER A 158 -0.52 11.61 11.07
CA SER A 158 -0.88 12.16 12.38
C SER A 158 -0.28 11.37 13.53
N ASN A 159 -0.17 12.02 14.69
CA ASN A 159 0.02 11.29 15.94
C ASN A 159 -1.35 10.86 16.44
N CYS A 160 -1.73 9.63 16.12
CA CYS A 160 -3.00 9.07 16.56
C CYS A 160 -2.82 8.23 17.82
N ASN A 161 -1.68 8.38 18.48
CA ASN A 161 -1.35 7.57 19.65
C ASN A 161 -1.50 6.09 19.28
N TYR A 162 -1.14 5.76 18.05
CA TYR A 162 -1.17 4.39 17.57
C TYR A 162 -0.13 4.21 16.48
N ASP A 163 0.82 3.30 16.73
CA ASP A 163 1.89 3.02 15.79
C ASP A 163 1.38 2.09 14.70
N GLY A 164 0.78 2.67 13.65
CA GLY A 164 0.19 1.88 12.59
C GLY A 164 1.21 1.10 11.78
N ALA A 165 2.32 1.74 11.44
CA ALA A 165 3.36 1.08 10.66
C ALA A 165 3.87 -0.14 11.40
N GLY A 166 4.13 0.03 12.69
CA GLY A 166 4.61 -1.07 13.51
C GLY A 166 3.58 -2.19 13.62
N ALA A 167 2.32 -1.82 13.81
CA ALA A 167 1.26 -2.82 13.91
C ALA A 167 1.19 -3.65 12.63
N ALA A 168 1.22 -2.98 11.49
CA ALA A 168 1.13 -3.66 10.21
C ALA A 168 2.33 -4.59 9.98
N LEU A 169 3.54 -4.08 10.21
CA LEU A 169 4.73 -4.87 9.97
C LEU A 169 4.86 -6.05 10.93
N LYS A 170 4.52 -5.83 12.20
CA LYS A 170 4.54 -6.91 13.16
C LYS A 170 3.49 -7.97 12.84
N TRP A 171 2.32 -7.54 12.34
CA TRP A 171 1.30 -8.51 12.00
C TRP A 171 1.75 -9.35 10.79
N ILE A 172 2.29 -8.68 9.79
CA ILE A 172 2.69 -9.36 8.56
C ILE A 172 3.88 -10.30 8.79
N TYR A 173 4.88 -9.83 9.53
CA TYR A 173 6.11 -10.60 9.70
C TYR A 173 6.20 -11.39 11.00
N GLY A 174 5.25 -11.15 11.91
CA GLY A 174 5.29 -11.82 13.19
C GLY A 174 6.18 -11.07 14.16
N SER A 175 7.04 -11.79 14.86
CA SER A 175 7.99 -11.14 15.76
C SER A 175 8.83 -10.16 14.96
N LEU A 176 9.14 -9.03 15.57
CA LEU A 176 10.14 -8.11 15.06
C LEU A 176 10.94 -7.57 16.24
N ASN A 177 12.19 -7.20 16.00
CA ASN A 177 12.99 -6.53 17.01
C ASN A 177 12.46 -5.12 17.24
N ALA A 178 12.67 -4.60 18.44
CA ALA A 178 12.19 -3.27 18.79
C ALA A 178 12.63 -2.24 17.75
N ARG A 179 11.74 -1.30 17.45
CA ARG A 179 12.04 -0.27 16.47
C ARG A 179 13.16 0.64 16.97
N ASN A 180 13.85 1.28 16.03
CA ASN A 180 14.87 2.28 16.34
C ASN A 180 14.22 3.64 16.50
N THR A 181 14.28 4.20 17.71
CA THR A 181 13.64 5.48 17.99
C THR A 181 14.61 6.64 17.88
N GLY A 182 15.83 6.35 17.43
CA GLY A 182 16.84 7.39 17.29
C GLY A 182 17.33 7.52 15.87
N THR A 183 18.62 7.82 15.71
CA THR A 183 19.20 8.00 14.39
C THR A 183 19.19 6.69 13.60
N LEU A 184 18.62 6.73 12.40
CA LEU A 184 18.53 5.55 11.55
C LEU A 184 19.91 5.18 11.02
N SER A 185 20.16 3.87 10.88
CA SER A 185 21.47 3.39 10.47
C SER A 185 21.69 3.54 8.97
N GLY A 186 20.59 3.63 8.22
CA GLY A 186 20.68 3.54 6.78
C GLY A 186 20.38 4.82 6.03
N SER A 187 20.06 4.67 4.75
CA SER A 187 19.84 5.82 3.88
C SER A 187 18.56 5.66 3.08
N VAL A 188 17.97 6.78 2.70
CA VAL A 188 16.90 6.78 1.70
C VAL A 188 17.53 6.98 0.31
N LEU A 189 17.37 5.99 -0.55
CA LEU A 189 17.90 6.08 -1.90
C LEU A 189 16.80 6.53 -2.85
N SER A 190 17.20 7.19 -3.94
CA SER A 190 16.27 7.52 -5.00
C SER A 190 16.63 6.73 -6.25
N PHE A 191 15.62 6.42 -7.07
CA PHE A 191 15.84 5.69 -8.31
C PHE A 191 14.85 6.13 -9.37
N ALA A 192 15.20 5.92 -10.63
CA ALA A 192 14.33 6.32 -11.73
C ALA A 192 13.19 5.33 -11.89
N GLN A 193 11.95 5.80 -11.77
CA GLN A 193 10.79 5.01 -12.16
C GLN A 193 10.61 5.14 -13.67
N SER A 194 11.54 4.54 -14.40
CA SER A 194 11.56 4.61 -15.85
C SER A 194 11.37 3.22 -16.44
N GLY A 195 11.03 3.16 -17.71
CA GLY A 195 10.85 1.88 -18.37
C GLY A 195 9.86 0.99 -17.63
N SER A 196 10.31 -0.22 -17.30
CA SER A 196 9.43 -1.21 -16.68
C SER A 196 9.12 -0.83 -15.23
N TYR A 197 9.84 0.16 -14.71
CA TYR A 197 9.63 0.62 -13.34
C TYR A 197 8.62 1.76 -13.28
N GLY A 198 8.21 2.24 -14.46
CA GLY A 198 7.37 3.42 -14.52
C GLY A 198 6.04 3.18 -15.20
N ALA A 199 5.15 4.16 -15.09
CA ALA A 199 3.83 4.08 -15.69
C ALA A 199 3.20 5.46 -15.67
N ASN A 200 2.13 5.64 -16.46
CA ASN A 200 1.41 6.88 -16.44
C ASN A 200 0.84 7.05 -15.03
N GLY A 201 0.81 8.28 -14.53
CA GLY A 201 0.33 8.52 -13.19
C GLY A 201 1.38 8.31 -12.12
N MET A 202 2.58 7.91 -12.54
CA MET A 202 3.71 7.74 -11.63
C MET A 202 4.83 8.74 -11.91
N ASP A 203 5.48 9.20 -10.84
CA ASP A 203 6.51 10.23 -10.95
C ASP A 203 7.76 9.67 -11.61
N THR A 204 8.71 10.55 -11.92
CA THR A 204 9.96 10.14 -12.55
C THR A 204 10.85 9.36 -11.60
N THR A 205 10.64 9.58 -10.30
CA THR A 205 11.59 9.15 -9.28
C THR A 205 10.87 8.42 -8.15
N GLY A 206 11.44 7.30 -7.71
CA GLY A 206 10.93 6.62 -6.54
C GLY A 206 11.99 6.56 -5.45
N TYR A 207 11.61 6.06 -4.28
CA TYR A 207 12.53 6.00 -3.15
C TYR A 207 12.48 4.66 -2.43
N LEU A 208 13.54 4.36 -1.70
CA LEU A 208 13.55 3.19 -0.83
C LEU A 208 14.46 3.43 0.36
N TYR A 209 14.03 2.97 1.54
CA TYR A 209 14.88 3.04 2.73
C TYR A 209 15.65 1.74 2.88
N VAL A 210 16.97 1.86 2.98
CA VAL A 210 17.84 0.69 3.09
C VAL A 210 18.65 0.75 4.38
N PRO A 211 18.32 -0.12 5.35
CA PRO A 211 19.06 -0.14 6.63
C PRO A 211 20.52 -0.48 6.36
N GLN A 212 21.40 -0.10 7.28
CA GLN A 212 22.82 -0.41 7.12
C GLN A 212 23.04 -1.90 6.87
N SER A 213 22.28 -2.73 7.57
CA SER A 213 22.48 -4.18 7.50
C SER A 213 22.17 -4.74 6.12
N CYS A 214 21.32 -4.05 5.36
CA CYS A 214 20.93 -4.54 4.04
C CYS A 214 21.82 -4.01 2.91
N ALA A 215 22.73 -3.09 3.25
CA ALA A 215 23.54 -2.41 2.25
C ALA A 215 24.57 -3.31 1.55
N SER A 216 25.23 -4.17 2.32
CA SER A 216 26.34 -4.96 1.80
C SER A 216 25.89 -6.20 1.05
N GLY A 217 24.75 -6.75 1.45
CA GLY A 217 24.30 -8.01 0.89
C GLY A 217 24.81 -9.21 1.65
N ALA A 218 25.56 -8.96 2.72
CA ALA A 218 26.07 -10.05 3.56
C ALA A 218 24.93 -10.69 4.34
N THR A 219 23.85 -9.93 4.53
CA THR A 219 22.70 -10.38 5.30
C THR A 219 21.45 -10.41 4.42
N VAL A 220 20.68 -11.49 4.53
CA VAL A 220 19.43 -11.58 3.79
C VAL A 220 18.38 -10.66 4.42
N CYS A 221 17.75 -9.86 3.57
CA CYS A 221 16.77 -8.88 4.03
C CYS A 221 15.38 -9.18 3.48
N SER A 222 14.37 -8.59 4.10
CA SER A 222 13.01 -8.65 3.60
C SER A 222 12.66 -7.35 2.88
N LEU A 223 11.47 -7.30 2.29
CA LEU A 223 11.04 -6.12 1.55
C LEU A 223 9.57 -5.82 1.79
N HIS A 224 9.29 -4.61 2.26
CA HIS A 224 7.92 -4.13 2.37
C HIS A 224 7.74 -2.92 1.46
N VAL A 225 6.69 -2.95 0.65
CA VAL A 225 6.34 -1.83 -0.21
C VAL A 225 5.28 -1.00 0.49
N ALA A 226 5.56 0.28 0.70
CA ALA A 226 4.62 1.17 1.38
C ALA A 226 4.09 2.24 0.42
N LEU A 227 2.77 2.30 0.27
CA LEU A 227 2.15 3.18 -0.72
C LEU A 227 1.44 4.39 -0.11
N HIS A 228 1.91 5.59 -0.46
CA HIS A 228 1.26 6.82 -0.03
C HIS A 228 -0.15 6.93 -0.61
N GLY A 229 -0.97 7.81 -0.03
CA GLY A 229 -2.30 8.03 -0.54
C GLY A 229 -2.38 9.24 -1.45
N CYS A 230 -3.58 9.68 -1.81
CA CYS A 230 -3.71 10.89 -2.61
C CYS A 230 -3.13 12.07 -1.82
N LEU A 231 -2.57 13.03 -2.55
CA LEU A 231 -2.00 14.24 -1.95
C LEU A 231 -0.82 13.93 -1.02
N GLN A 232 -0.26 12.73 -1.15
CA GLN A 232 0.90 12.35 -0.35
C GLN A 232 2.11 11.94 -1.18
N SER A 233 2.08 12.15 -2.49
CA SER A 233 3.24 11.86 -3.32
C SER A 233 4.34 12.85 -2.97
N TYR A 234 5.57 12.52 -3.35
CA TYR A 234 6.71 13.39 -3.10
C TYR A 234 6.45 14.76 -3.69
N SER A 235 5.78 14.79 -4.84
CA SER A 235 5.41 16.03 -5.51
C SER A 235 4.60 16.93 -4.58
N SER A 236 3.79 16.32 -3.72
CA SER A 236 2.86 17.07 -2.88
C SER A 236 3.45 17.45 -1.52
N ILE A 237 4.10 16.50 -0.86
CA ILE A 237 4.56 16.72 0.51
C ILE A 237 6.03 16.37 0.72
N GLY A 238 6.79 16.29 -0.37
CA GLY A 238 8.18 15.93 -0.26
C GLY A 238 8.39 14.59 0.42
N SER A 239 9.35 14.52 1.33
CA SER A 239 9.70 13.24 1.94
C SER A 239 8.89 12.93 3.20
N ARG A 240 7.78 13.65 3.41
CA ARG A 240 7.04 13.48 4.65
C ARG A 240 6.39 12.10 4.84
N PHE A 241 5.95 11.46 3.77
CA PHE A 241 5.38 10.12 3.94
C PHE A 241 6.51 9.16 4.28
N ILE A 242 7.63 9.29 3.57
CA ILE A 242 8.77 8.42 3.78
C ILE A 242 9.28 8.50 5.22
N GLN A 243 9.24 9.69 5.80
CA GLN A 243 9.86 9.91 7.11
C GLN A 243 8.87 9.88 8.28
N ASN A 244 7.66 10.38 8.05
CA ASN A 244 6.71 10.61 9.15
C ASN A 244 5.81 9.41 9.47
N THR A 245 5.83 8.38 8.63
CA THR A 245 4.92 7.26 8.81
C THR A 245 5.45 6.22 9.81
N GLY A 246 6.77 6.15 9.94
CA GLY A 246 7.33 5.27 10.96
C GLY A 246 7.72 3.87 10.51
N TYR A 247 7.58 3.57 9.21
CA TYR A 247 8.00 2.26 8.71
C TYR A 247 9.50 2.06 8.93
N ASN A 248 10.27 3.10 8.66
CA ASN A 248 11.72 2.97 8.64
C ASN A 248 12.27 2.64 10.02
N LYS A 249 11.61 3.14 11.06
CA LYS A 249 12.03 2.85 12.44
C LYS A 249 12.05 1.35 12.71
N TRP A 250 11.05 0.65 12.18
CA TRP A 250 10.98 -0.80 12.34
C TRP A 250 11.90 -1.54 11.38
N ALA A 251 11.95 -1.07 10.14
CA ALA A 251 12.81 -1.69 9.13
C ALA A 251 14.26 -1.69 9.62
N ASP A 252 14.66 -0.62 10.28
CA ASP A 252 16.08 -0.37 10.55
C ASP A 252 16.69 -1.45 11.43
N THR A 253 15.88 -2.06 12.28
CA THR A 253 16.39 -3.05 13.22
C THR A 253 15.97 -4.48 12.85
N ASN A 254 15.42 -4.64 11.66
CA ASN A 254 14.86 -5.93 11.25
C ASN A 254 15.22 -6.34 9.83
N ASN A 255 16.39 -5.89 9.37
CA ASN A 255 16.91 -6.31 8.07
C ASN A 255 15.84 -6.20 7.00
N MET A 256 15.15 -5.07 6.97
CA MET A 256 14.03 -4.88 6.07
C MET A 256 14.23 -3.62 5.24
N ILE A 257 14.06 -3.75 3.93
CA ILE A 257 14.04 -2.59 3.03
C ILE A 257 12.58 -2.15 2.86
N ILE A 258 12.36 -0.84 2.88
CA ILE A 258 11.02 -0.31 2.58
C ILE A 258 11.08 0.40 1.23
N LEU A 259 10.30 -0.07 0.27
CA LEU A 259 10.22 0.56 -1.05
C LEU A 259 9.05 1.54 -1.07
N TYR A 260 9.31 2.77 -1.51
CA TYR A 260 8.28 3.81 -1.58
C TYR A 260 8.06 4.30 -3.00
N PRO A 261 7.21 3.62 -3.78
CA PRO A 261 6.96 4.07 -5.16
C PRO A 261 6.21 5.41 -5.09
N GLN A 262 6.32 6.23 -6.13
CA GLN A 262 5.71 7.55 -6.10
C GLN A 262 4.75 7.80 -7.25
N ALA A 263 3.52 8.21 -6.93
CA ALA A 263 2.60 8.68 -7.95
C ALA A 263 2.89 10.15 -8.23
N ILE A 264 2.10 10.76 -9.10
CA ILE A 264 2.30 12.16 -9.48
C ILE A 264 0.97 12.76 -9.92
N PRO A 265 0.74 14.04 -9.61
CA PRO A 265 -0.54 14.63 -10.03
C PRO A 265 -0.67 14.54 -11.56
N ASP A 266 -1.88 14.24 -12.02
CA ASP A 266 -2.19 14.14 -13.43
C ASP A 266 -3.51 14.84 -13.70
N TYR A 267 -3.45 16.02 -14.31
CA TYR A 267 -4.62 16.88 -14.44
C TYR A 267 -5.48 16.52 -15.65
N THR A 268 -5.00 15.59 -16.46
CA THR A 268 -5.72 15.21 -17.67
C THR A 268 -6.92 14.32 -17.35
N ILE A 269 -7.90 14.32 -18.25
CA ILE A 269 -9.15 13.60 -18.07
C ILE A 269 -9.06 12.19 -18.68
N HIS A 270 -9.52 11.19 -17.94
CA HIS A 270 -9.48 9.80 -18.39
C HIS A 270 -10.87 9.17 -18.27
N ALA A 271 -11.22 8.33 -19.23
CA ALA A 271 -12.37 7.45 -19.05
C ALA A 271 -12.03 6.46 -17.94
N ILE A 272 -12.95 6.26 -17.02
CA ILE A 272 -12.72 5.29 -15.94
C ILE A 272 -13.68 4.13 -16.06
N TRP A 273 -13.62 3.18 -15.12
CA TRP A 273 -14.40 1.96 -15.23
C TRP A 273 -15.89 2.20 -15.44
N ASN A 274 -16.47 3.13 -14.68
CA ASN A 274 -17.88 3.44 -14.84
C ASN A 274 -18.19 4.85 -14.36
N GLY A 275 -19.24 5.45 -14.91
CA GLY A 275 -19.64 6.78 -14.50
C GLY A 275 -19.02 7.89 -15.33
N GLY A 276 -18.30 7.51 -16.39
CA GLY A 276 -17.78 8.51 -17.31
C GLY A 276 -16.29 8.77 -17.23
N VAL A 277 -15.92 9.99 -16.88
CA VAL A 277 -14.52 10.42 -16.93
C VAL A 277 -14.10 11.01 -15.60
N LEU A 278 -12.78 11.12 -15.41
CA LEU A 278 -12.23 11.64 -14.16
C LEU A 278 -10.75 11.97 -14.35
N SER A 279 -10.30 13.05 -13.74
CA SER A 279 -8.89 13.38 -13.74
C SER A 279 -8.26 12.87 -12.43
N ASN A 280 -6.95 13.03 -12.30
CA ASN A 280 -6.24 12.56 -11.11
C ASN A 280 -5.31 13.66 -10.58
N PRO A 281 -5.87 14.85 -10.31
CA PRO A 281 -5.11 15.99 -9.81
C PRO A 281 -4.43 15.78 -8.46
N ASN A 282 -4.91 14.82 -7.69
CA ASN A 282 -4.39 14.58 -6.35
C ASN A 282 -3.24 13.56 -6.31
N GLY A 283 -2.94 12.96 -7.45
CA GLY A 283 -1.83 12.02 -7.50
C GLY A 283 -2.11 10.78 -6.69
N CYS A 284 -3.28 10.19 -6.95
CA CYS A 284 -3.70 8.95 -6.29
C CYS A 284 -3.20 7.75 -7.06
N TRP A 285 -3.10 6.60 -6.38
CA TRP A 285 -2.89 5.33 -7.07
C TRP A 285 -4.19 4.89 -7.74
N ASP A 286 -4.06 4.15 -8.83
CA ASP A 286 -5.20 3.86 -9.69
C ASP A 286 -6.06 2.70 -9.18
N TRP A 287 -7.16 3.02 -8.53
CA TRP A 287 -8.15 2.02 -8.14
C TRP A 287 -9.51 2.25 -8.81
N VAL A 288 -9.53 3.08 -9.86
CA VAL A 288 -10.78 3.44 -10.52
C VAL A 288 -10.74 3.25 -12.03
N GLY A 289 -9.55 3.01 -12.57
CA GLY A 289 -9.42 2.75 -13.99
C GLY A 289 -8.91 3.92 -14.82
N TRP A 290 -8.25 4.88 -14.19
CA TRP A 290 -7.66 5.99 -14.93
C TRP A 290 -6.78 5.51 -16.09
N TYR A 291 -5.92 4.53 -15.80
CA TYR A 291 -4.86 4.18 -16.72
C TYR A 291 -5.05 2.82 -17.37
N GLY A 292 -6.29 2.37 -17.45
CA GLY A 292 -6.58 1.13 -18.15
C GLY A 292 -7.67 0.32 -17.47
N SER A 293 -8.32 -0.54 -18.24
CA SER A 293 -9.39 -1.37 -17.73
C SER A 293 -8.88 -2.47 -16.80
N ASN A 294 -7.59 -2.76 -16.88
CA ASN A 294 -6.99 -3.82 -16.05
C ASN A 294 -6.21 -3.28 -14.86
N ALA A 295 -6.58 -2.10 -14.39
CA ALA A 295 -5.85 -1.44 -13.29
C ALA A 295 -5.61 -2.34 -12.08
N ASP A 296 -6.57 -3.22 -11.77
CA ASP A 296 -6.43 -4.09 -10.60
C ASP A 296 -6.17 -5.55 -10.96
N GLN A 297 -5.73 -5.79 -12.18
CA GLN A 297 -5.41 -7.15 -12.63
C GLN A 297 -3.95 -7.22 -13.04
N ILE A 298 -3.44 -8.44 -13.23
CA ILE A 298 -2.09 -8.62 -13.74
C ILE A 298 -1.94 -7.79 -15.01
N GLY A 299 -0.87 -7.02 -15.10
CA GLY A 299 -0.67 -6.16 -16.26
C GLY A 299 -1.16 -4.73 -16.10
N GLY A 300 -1.94 -4.44 -15.06
CA GLY A 300 -2.28 -3.07 -14.76
C GLY A 300 -1.00 -2.25 -14.73
N VAL A 301 -0.98 -1.13 -15.42
CA VAL A 301 0.29 -0.46 -15.70
C VAL A 301 1.03 -0.05 -14.43
N GLN A 302 0.30 0.47 -13.44
CA GLN A 302 0.96 0.86 -12.20
C GLN A 302 1.39 -0.35 -11.37
N MET A 303 0.52 -1.35 -11.24
CA MET A 303 0.89 -2.55 -10.50
C MET A 303 2.10 -3.24 -11.15
N ALA A 304 2.12 -3.28 -12.48
CA ALA A 304 3.22 -3.90 -13.19
C ALA A 304 4.54 -3.18 -12.93
N ALA A 305 4.47 -1.86 -12.81
CA ALA A 305 5.66 -1.06 -12.52
C ALA A 305 6.17 -1.35 -11.11
N ILE A 306 5.27 -1.37 -10.15
CA ILE A 306 5.63 -1.68 -8.78
C ILE A 306 6.19 -3.10 -8.66
N VAL A 307 5.54 -4.06 -9.31
CA VAL A 307 6.04 -5.42 -9.31
C VAL A 307 7.41 -5.52 -9.98
N GLY A 308 7.61 -4.71 -11.02
CA GLY A 308 8.89 -4.70 -11.70
C GLY A 308 10.00 -4.19 -10.80
N GLN A 309 9.67 -3.17 -10.00
CA GLN A 309 10.59 -2.67 -8.99
C GLN A 309 10.93 -3.76 -7.99
N VAL A 310 9.90 -4.46 -7.53
CA VAL A 310 10.10 -5.53 -6.56
C VAL A 310 10.99 -6.63 -7.13
N LYS A 311 10.71 -7.04 -8.36
CA LYS A 311 11.46 -8.12 -9.00
C LYS A 311 12.94 -7.76 -9.07
N GLN A 312 13.23 -6.50 -9.35
CA GLN A 312 14.62 -6.03 -9.45
C GLN A 312 15.30 -6.13 -8.09
N ILE A 313 14.63 -5.64 -7.05
CA ILE A 313 15.21 -5.65 -5.71
C ILE A 313 15.52 -7.06 -5.22
N VAL A 314 14.62 -8.01 -5.48
CA VAL A 314 14.82 -9.36 -4.95
C VAL A 314 15.73 -10.19 -5.85
N SER A 315 16.11 -9.65 -7.00
CA SER A 315 16.92 -10.38 -7.96
C SER A 315 18.36 -10.57 -7.45
N GLY A 316 18.68 -9.92 -6.33
CA GLY A 316 20.00 -10.06 -5.76
C GLY A 316 20.07 -11.11 -4.67
N PHE A 317 18.99 -11.84 -4.46
CA PHE A 317 18.95 -12.87 -3.43
C PHE A 317 20.09 -13.87 -3.66
N GLN A 318 20.84 -14.15 -2.59
CA GLN A 318 22.01 -15.02 -2.71
C GLN A 318 21.77 -16.40 -2.11
#